data_1PFS
#
_entry.id   1PFS
#
_cell.length_a   1.000
_cell.length_b   1.000
_cell.length_c   1.000
_cell.angle_alpha   90.00
_cell.angle_beta   90.00
_cell.angle_gamma   90.00
#
_symmetry.space_group_name_H-M   'P 1'
#
_entity_poly.entity_id   1
_entity_poly.type   'polypeptide(L)'
_entity_poly.pdbx_seq_one_letter_code
;MNIQITFTDSVRQGTSAKGNPYTFQEGFLHLEDKPHPLQCQFFVESVIPAGSYQVPYRINVNNGRPELAFDFKAMKRA
;
_entity_poly.pdbx_strand_id   A,B
#
# COMPACT_ATOMS: atom_id res chain seq x y z
N MET A 1 4.77 3.03 -12.74
CA MET A 1 4.14 1.85 -12.05
C MET A 1 2.63 1.91 -12.19
N ASN A 2 2.05 0.85 -12.73
CA ASN A 2 0.61 0.77 -12.92
C ASN A 2 0.13 -0.67 -12.70
N ILE A 3 -1.18 -0.83 -12.55
CA ILE A 3 -1.76 -2.16 -12.34
C ILE A 3 -3.18 -2.22 -12.89
N GLN A 4 -3.56 -3.37 -13.40
CA GLN A 4 -4.89 -3.55 -13.97
C GLN A 4 -5.92 -3.73 -12.87
N ILE A 5 -6.97 -2.91 -12.90
CA ILE A 5 -8.03 -2.97 -11.91
C ILE A 5 -9.39 -3.02 -12.59
N THR A 6 -10.12 -4.11 -12.39
CA THR A 6 -11.45 -4.27 -12.99
C THR A 6 -12.49 -3.78 -12.01
N PHE A 7 -13.05 -2.59 -12.28
CA PHE A 7 -14.04 -2.00 -11.40
C PHE A 7 -15.42 -2.60 -11.66
N THR A 8 -16.30 -2.44 -10.69
CA THR A 8 -17.66 -2.95 -10.79
C THR A 8 -18.64 -1.85 -10.44
N ASP A 9 -19.93 -2.17 -10.48
CA ASP A 9 -20.97 -1.20 -10.17
C ASP A 9 -21.42 -1.35 -8.71
N SER A 10 -20.56 -1.91 -7.88
CA SER A 10 -20.85 -2.10 -6.47
C SER A 10 -20.19 -1.02 -5.65
N VAL A 11 -20.94 -0.01 -5.24
CA VAL A 11 -20.38 1.08 -4.45
C VAL A 11 -21.07 1.18 -3.11
N ARG A 12 -20.29 1.03 -2.05
CA ARG A 12 -20.79 1.11 -0.69
C ARG A 12 -20.72 2.55 -0.19
N GLN A 13 -21.88 3.14 0.05
CA GLN A 13 -21.97 4.52 0.52
C GLN A 13 -22.52 4.54 1.94
N GLY A 14 -22.07 5.48 2.76
CA GLY A 14 -22.55 5.58 4.14
C GLY A 14 -21.75 6.59 4.95
N THR A 15 -22.12 6.72 6.22
CA THR A 15 -21.46 7.64 7.14
C THR A 15 -20.58 6.87 8.12
N SER A 16 -19.46 7.46 8.50
CA SER A 16 -18.54 6.84 9.44
C SER A 16 -18.94 7.17 10.88
N ALA A 17 -18.29 6.54 11.83
CA ALA A 17 -18.58 6.77 13.24
C ALA A 17 -18.40 8.24 13.59
N LYS A 18 -17.56 8.93 12.81
CA LYS A 18 -17.30 10.35 13.04
C LYS A 18 -18.32 11.23 12.31
N GLY A 19 -19.36 10.61 11.75
CA GLY A 19 -20.40 11.33 11.04
C GLY A 19 -19.94 11.77 9.65
N ASN A 20 -18.72 11.40 9.27
CA ASN A 20 -18.19 11.77 7.96
C ASN A 20 -18.69 10.83 6.88
N PRO A 21 -18.96 11.35 5.68
CA PRO A 21 -19.44 10.56 4.54
C PRO A 21 -18.30 9.88 3.80
N TYR A 22 -18.55 8.64 3.37
CA TYR A 22 -17.54 7.88 2.64
C TYR A 22 -18.16 7.16 1.45
N THR A 23 -17.37 7.00 0.40
CA THR A 23 -17.82 6.34 -0.82
C THR A 23 -16.84 5.25 -1.20
N PHE A 24 -17.18 4.02 -0.85
CA PHE A 24 -16.32 2.88 -1.17
C PHE A 24 -16.85 2.17 -2.41
N GLN A 25 -16.00 1.98 -3.39
CA GLN A 25 -16.40 1.31 -4.63
C GLN A 25 -15.67 -0.01 -4.77
N GLU A 26 -16.37 -1.01 -5.31
CA GLU A 26 -15.77 -2.33 -5.50
C GLU A 26 -14.93 -2.36 -6.76
N GLY A 27 -13.97 -3.26 -6.77
CA GLY A 27 -13.09 -3.43 -7.92
C GLY A 27 -12.17 -4.64 -7.74
N PHE A 28 -11.87 -5.31 -8.84
CA PHE A 28 -11.00 -6.49 -8.82
C PHE A 28 -9.57 -6.09 -9.15
N LEU A 29 -8.62 -6.66 -8.41
CA LEU A 29 -7.21 -6.37 -8.60
C LEU A 29 -6.50 -7.52 -9.31
N HIS A 30 -5.55 -7.17 -10.18
CA HIS A 30 -4.80 -8.16 -10.93
C HIS A 30 -3.32 -8.09 -10.57
N LEU A 31 -2.79 -9.17 -10.01
CA LEU A 31 -1.39 -9.22 -9.61
C LEU A 31 -0.61 -10.21 -10.46
N GLU A 32 0.60 -9.82 -10.84
CA GLU A 32 1.47 -10.66 -11.67
C GLU A 32 1.82 -11.97 -10.96
N ASP A 33 1.76 -11.94 -9.64
CA ASP A 33 2.08 -13.11 -8.83
C ASP A 33 0.82 -13.87 -8.40
N LYS A 34 -0.32 -13.53 -8.99
CA LYS A 34 -1.58 -14.19 -8.66
C LYS A 34 -2.30 -14.61 -9.94
N PRO A 35 -2.77 -15.86 -10.03
CA PRO A 35 -3.47 -16.37 -11.22
C PRO A 35 -4.88 -15.80 -11.32
N HIS A 36 -5.53 -15.61 -10.17
CA HIS A 36 -6.88 -15.07 -10.15
C HIS A 36 -6.89 -13.68 -9.54
N PRO A 37 -7.85 -12.84 -9.94
CA PRO A 37 -7.98 -11.47 -9.43
C PRO A 37 -8.61 -11.44 -8.04
N LEU A 38 -8.27 -10.42 -7.25
CA LEU A 38 -8.80 -10.28 -5.90
C LEU A 38 -9.82 -9.17 -5.81
N GLN A 39 -10.90 -9.42 -5.07
CA GLN A 39 -11.95 -8.43 -4.88
C GLN A 39 -11.49 -7.42 -3.84
N CYS A 40 -11.43 -6.15 -4.24
CA CYS A 40 -10.98 -5.09 -3.34
C CYS A 40 -11.90 -3.88 -3.44
N GLN A 41 -11.90 -3.06 -2.39
CA GLN A 41 -12.73 -1.85 -2.36
C GLN A 41 -11.84 -0.63 -2.33
N PHE A 42 -12.31 0.45 -2.96
CA PHE A 42 -11.53 1.68 -3.04
C PHE A 42 -12.31 2.87 -2.50
N PHE A 43 -11.59 3.79 -1.86
CA PHE A 43 -12.19 5.01 -1.31
C PHE A 43 -12.16 6.11 -2.37
N VAL A 44 -13.04 5.99 -3.34
CA VAL A 44 -13.11 6.95 -4.44
C VAL A 44 -13.90 8.20 -4.06
N GLU A 45 -13.70 9.26 -4.84
CA GLU A 45 -14.40 10.52 -4.63
C GLU A 45 -15.60 10.56 -5.57
N SER A 46 -15.41 10.01 -6.75
CA SER A 46 -16.45 9.95 -7.77
C SER A 46 -16.62 8.51 -8.24
N VAL A 47 -17.85 8.14 -8.58
CA VAL A 47 -18.14 6.78 -9.02
C VAL A 47 -17.47 6.50 -10.37
N ILE A 48 -16.72 5.41 -10.43
CA ILE A 48 -16.04 5.00 -11.66
C ILE A 48 -16.84 3.94 -12.39
N PRO A 49 -17.01 4.08 -13.72
CA PRO A 49 -17.77 3.11 -14.52
C PRO A 49 -17.08 1.76 -14.60
N ALA A 50 -17.86 0.71 -14.34
CA ALA A 50 -17.35 -0.67 -14.36
C ALA A 50 -16.56 -0.93 -15.63
N GLY A 51 -15.34 -1.44 -15.46
CA GLY A 51 -14.46 -1.76 -16.58
C GLY A 51 -13.03 -1.91 -16.11
N SER A 52 -12.21 -2.61 -16.91
CA SER A 52 -10.80 -2.83 -16.56
C SER A 52 -9.97 -1.62 -16.93
N TYR A 53 -9.17 -1.15 -15.98
CA TYR A 53 -8.31 0.02 -16.20
C TYR A 53 -6.86 -0.28 -15.80
N GLN A 54 -5.95 0.46 -16.40
CA GLN A 54 -4.53 0.36 -16.08
C GLN A 54 -4.17 1.61 -15.30
N VAL A 55 -4.36 1.54 -14.00
CA VAL A 55 -4.16 2.67 -13.11
C VAL A 55 -2.70 2.87 -12.68
N PRO A 56 -2.17 4.10 -12.87
CA PRO A 56 -0.81 4.45 -12.44
C PRO A 56 -0.81 4.76 -10.95
N TYR A 57 -0.16 3.91 -10.16
CA TYR A 57 -0.12 4.11 -8.72
C TYR A 57 1.28 4.48 -8.23
N ARG A 58 1.34 4.97 -7.00
CA ARG A 58 2.58 5.36 -6.36
C ARG A 58 2.50 4.97 -4.89
N ILE A 59 3.65 4.93 -4.22
CA ILE A 59 3.69 4.57 -2.80
C ILE A 59 3.82 5.82 -1.95
N ASN A 60 2.71 6.24 -1.35
CA ASN A 60 2.71 7.43 -0.49
C ASN A 60 2.86 7.03 0.96
N VAL A 61 3.36 7.94 1.77
CA VAL A 61 3.55 7.69 3.19
C VAL A 61 2.66 8.60 4.01
N ASN A 62 1.68 8.01 4.69
CA ASN A 62 0.74 8.76 5.52
C ASN A 62 0.94 8.40 6.98
N ASN A 63 0.99 9.43 7.83
CA ASN A 63 1.17 9.25 9.27
C ASN A 63 2.34 8.30 9.58
N GLY A 64 3.29 8.20 8.64
CA GLY A 64 4.47 7.36 8.83
C GLY A 64 4.25 5.91 8.39
N ARG A 65 3.22 5.67 7.59
CA ARG A 65 2.93 4.33 7.10
C ARG A 65 2.88 4.34 5.57
N PRO A 66 3.59 3.41 4.91
CA PRO A 66 3.62 3.32 3.44
C PRO A 66 2.30 2.80 2.87
N GLU A 67 1.66 3.60 2.03
CA GLU A 67 0.39 3.19 1.42
C GLU A 67 0.38 3.48 -0.07
N LEU A 68 -0.57 2.86 -0.78
CA LEU A 68 -0.68 3.04 -2.22
C LEU A 68 -1.57 4.21 -2.57
N ALA A 69 -1.15 4.97 -3.58
CA ALA A 69 -1.91 6.12 -4.05
C ALA A 69 -2.20 5.94 -5.54
N PHE A 70 -3.46 5.64 -5.85
CA PHE A 70 -3.86 5.39 -7.24
C PHE A 70 -4.27 6.68 -7.93
N ASP A 71 -3.69 6.92 -9.09
CA ASP A 71 -3.96 8.10 -9.89
C ASP A 71 -5.05 7.82 -10.91
N PHE A 72 -6.30 8.00 -10.51
CA PHE A 72 -7.44 7.75 -11.39
C PHE A 72 -7.52 8.78 -12.51
N LYS A 73 -6.71 9.83 -12.43
CA LYS A 73 -6.70 10.87 -13.44
C LYS A 73 -5.89 10.45 -14.66
N ALA A 74 -5.00 9.47 -14.48
CA ALA A 74 -4.15 9.01 -15.57
C ALA A 74 -4.36 7.53 -15.88
N MET A 75 -5.43 6.94 -15.37
CA MET A 75 -5.69 5.53 -15.63
C MET A 75 -6.14 5.34 -17.05
N LYS A 76 -5.72 4.24 -17.65
CA LYS A 76 -6.05 3.93 -19.04
C LYS A 76 -7.00 2.75 -19.09
N ARG A 77 -8.12 2.91 -19.81
CA ARG A 77 -9.09 1.83 -19.94
C ARG A 77 -8.44 0.65 -20.65
N ALA A 78 -8.56 -0.53 -20.07
CA ALA A 78 -7.98 -1.74 -20.65
C ALA A 78 -9.01 -2.48 -21.47
N MET B 1 8.89 -5.91 -8.95
CA MET B 1 8.69 -4.57 -8.32
C MET B 1 9.47 -4.48 -7.02
N ASN B 2 10.34 -3.47 -6.93
CA ASN B 2 11.15 -3.25 -5.75
C ASN B 2 11.33 -1.76 -5.50
N ILE B 3 11.79 -1.41 -4.29
CA ILE B 3 12.01 -0.01 -3.94
C ILE B 3 13.13 0.10 -2.91
N GLN B 4 13.90 1.18 -3.01
CA GLN B 4 15.01 1.42 -2.09
C GLN B 4 14.50 1.92 -0.75
N ILE B 5 14.89 1.23 0.32
CA ILE B 5 14.48 1.61 1.67
C ILE B 5 15.70 1.68 2.59
N THR B 6 15.97 2.87 3.11
CA THR B 6 17.10 3.07 4.01
C THR B 6 16.63 2.90 5.45
N PHE B 7 16.97 1.76 6.05
CA PHE B 7 16.56 1.47 7.42
C PHE B 7 17.46 2.17 8.41
N THR B 8 16.96 2.30 9.64
CA THR B 8 17.71 2.93 10.70
C THR B 8 17.70 2.05 11.93
N ASP B 9 18.34 2.51 13.00
CA ASP B 9 18.41 1.74 14.24
C ASP B 9 17.33 2.21 15.22
N SER B 10 16.27 2.81 14.69
CA SER B 10 15.17 3.30 15.50
C SER B 10 14.01 2.32 15.45
N VAL B 11 13.86 1.51 16.49
CA VAL B 11 12.79 0.53 16.51
C VAL B 11 11.87 0.76 17.70
N ARG B 12 10.60 1.02 17.41
CA ARG B 12 9.60 1.25 18.45
C ARG B 12 8.96 -0.06 18.86
N GLN B 13 9.19 -0.46 20.11
CA GLN B 13 8.64 -1.70 20.64
C GLN B 13 7.62 -1.39 21.73
N GLY B 14 6.58 -2.20 21.83
CA GLY B 14 5.56 -1.98 22.85
C GLY B 14 4.37 -2.92 22.66
N THR B 15 3.38 -2.76 23.54
CA THR B 15 2.15 -3.56 23.51
C THR B 15 0.99 -2.72 23.00
N SER B 16 0.09 -3.37 22.26
CA SER B 16 -1.08 -2.68 21.71
C SER B 16 -2.21 -2.69 22.73
N ALA B 17 -3.28 -1.97 22.42
CA ALA B 17 -4.44 -1.90 23.31
C ALA B 17 -5.00 -3.30 23.56
N LYS B 18 -4.76 -4.22 22.63
CA LYS B 18 -5.24 -5.59 22.76
C LYS B 18 -4.25 -6.46 23.53
N GLY B 19 -3.23 -5.83 24.10
CA GLY B 19 -2.22 -6.55 24.88
C GLY B 19 -1.24 -7.30 23.97
N ASN B 20 -1.39 -7.16 22.66
CA ASN B 20 -0.50 -7.82 21.71
C ASN B 20 0.80 -7.04 21.53
N PRO B 21 1.92 -7.75 21.37
CA PRO B 21 3.24 -7.13 21.18
C PRO B 21 3.49 -6.74 19.73
N TYR B 22 4.12 -5.59 19.54
CA TYR B 22 4.41 -5.10 18.20
C TYR B 22 5.83 -4.55 18.13
N THR B 23 6.45 -4.69 16.95
CA THR B 23 7.80 -4.21 16.73
C THR B 23 7.84 -3.34 15.49
N PHE B 24 7.82 -2.04 15.70
CA PHE B 24 7.87 -1.08 14.60
C PHE B 24 9.28 -0.57 14.42
N GLN B 25 9.81 -0.67 13.21
CA GLN B 25 11.16 -0.21 12.94
C GLN B 25 11.14 0.97 11.99
N GLU B 26 12.04 1.92 12.19
CA GLU B 26 12.10 3.10 11.33
C GLU B 26 12.86 2.79 10.06
N GLY B 27 12.55 3.57 9.02
CA GLY B 27 13.20 3.41 7.73
C GLY B 27 12.79 4.51 6.77
N PHE B 28 13.71 4.92 5.91
CA PHE B 28 13.45 5.97 4.93
C PHE B 28 13.07 5.35 3.59
N LEU B 29 12.07 5.93 2.95
CA LEU B 29 11.57 5.45 1.67
C LEU B 29 12.04 6.35 0.52
N HIS B 30 12.35 5.73 -0.62
CA HIS B 30 12.81 6.46 -1.78
C HIS B 30 11.83 6.28 -2.93
N LEU B 31 11.23 7.38 -3.39
CA LEU B 31 10.27 7.34 -4.48
C LEU B 31 10.80 8.05 -5.71
N GLU B 32 10.54 7.46 -6.87
CA GLU B 32 11.01 8.02 -8.15
C GLU B 32 10.38 9.38 -8.41
N ASP B 33 9.23 9.61 -7.80
CA ASP B 33 8.51 10.87 -7.98
C ASP B 33 8.77 11.84 -6.82
N LYS B 34 9.76 11.53 -5.98
CA LYS B 34 10.09 12.40 -4.85
C LYS B 34 11.60 12.63 -4.82
N PRO B 35 12.02 13.91 -4.67
CA PRO B 35 13.45 14.26 -4.63
C PRO B 35 14.10 13.86 -3.31
N HIS B 36 13.34 13.96 -2.23
CA HIS B 36 13.84 13.60 -0.90
C HIS B 36 13.14 12.36 -0.39
N PRO B 37 13.82 11.58 0.47
CA PRO B 37 13.26 10.35 1.04
C PRO B 37 12.30 10.66 2.19
N LEU B 38 11.33 9.77 2.40
CA LEU B 38 10.33 9.96 3.46
C LEU B 38 10.58 9.01 4.62
N GLN B 39 10.42 9.52 5.83
CA GLN B 39 10.59 8.72 7.04
C GLN B 39 9.34 7.87 7.25
N CYS B 40 9.52 6.55 7.27
CA CYS B 40 8.40 5.63 7.44
C CYS B 40 8.75 4.54 8.45
N GLN B 41 7.72 3.94 9.03
CA GLN B 41 7.92 2.87 10.01
C GLN B 41 7.34 1.57 9.47
N PHE B 42 7.99 0.46 9.82
CA PHE B 42 7.57 -0.84 9.33
C PHE B 42 7.28 -1.81 10.47
N PHE B 43 6.30 -2.68 10.27
CA PHE B 43 5.93 -3.68 11.26
C PHE B 43 6.72 -4.96 10.99
N VAL B 44 7.99 -4.92 11.37
CA VAL B 44 8.89 -6.06 11.15
C VAL B 44 8.74 -7.11 12.24
N GLU B 45 9.23 -8.31 11.93
CA GLU B 45 9.19 -9.42 12.89
C GLU B 45 10.54 -9.50 13.59
N SER B 46 11.59 -9.21 12.81
CA SER B 46 12.96 -9.21 13.32
C SER B 46 13.62 -7.88 13.00
N VAL B 47 14.51 -7.43 13.88
CA VAL B 47 15.20 -6.16 13.70
C VAL B 47 16.14 -6.21 12.50
N ILE B 48 15.99 -5.25 11.59
CA ILE B 48 16.83 -5.17 10.39
C ILE B 48 17.96 -4.18 10.62
N PRO B 49 19.20 -4.55 10.24
CA PRO B 49 20.36 -3.66 10.41
C PRO B 49 20.29 -2.43 9.51
N ALA B 50 20.53 -1.27 10.10
CA ALA B 50 20.48 0.00 9.39
C ALA B 50 21.30 -0.08 8.10
N GLY B 51 20.67 0.31 6.99
CA GLY B 51 21.33 0.30 5.69
C GLY B 51 20.29 0.37 4.57
N SER B 52 20.72 0.81 3.39
CA SER B 52 19.83 0.92 2.23
C SER B 52 19.65 -0.44 1.56
N TYR B 53 18.39 -0.80 1.33
CA TYR B 53 18.07 -2.08 0.69
C TYR B 53 17.12 -1.89 -0.48
N GLN B 54 17.16 -2.84 -1.41
CA GLN B 54 16.26 -2.85 -2.56
C GLN B 54 15.27 -3.96 -2.31
N VAL B 55 14.21 -3.62 -1.62
CA VAL B 55 13.19 -4.59 -1.22
C VAL B 55 12.14 -4.87 -2.29
N PRO B 56 11.93 -6.16 -2.62
CA PRO B 56 10.91 -6.59 -3.58
C PRO B 56 9.53 -6.61 -2.92
N TYR B 57 8.66 -5.72 -3.33
CA TYR B 57 7.33 -5.64 -2.72
C TYR B 57 6.24 -6.07 -3.70
N ARG B 58 5.06 -6.32 -3.15
CA ARG B 58 3.89 -6.73 -3.91
C ARG B 58 2.66 -6.06 -3.31
N ILE B 59 1.57 -6.03 -4.07
CA ILE B 59 0.34 -5.43 -3.59
C ILE B 59 -0.64 -6.50 -3.11
N ASN B 60 -0.73 -6.66 -1.79
CA ASN B 60 -1.63 -7.66 -1.22
C ASN B 60 -2.95 -7.00 -0.82
N VAL B 61 -4.00 -7.81 -0.76
CA VAL B 61 -5.32 -7.31 -0.40
C VAL B 61 -5.76 -7.95 0.92
N ASN B 62 -5.86 -7.13 1.96
CA ASN B 62 -6.28 -7.59 3.28
C ASN B 62 -7.63 -7.00 3.64
N ASN B 63 -8.53 -7.83 4.13
CA ASN B 63 -9.87 -7.42 4.54
C ASN B 63 -10.55 -6.57 3.44
N GLY B 64 -10.11 -6.75 2.20
CA GLY B 64 -10.70 -6.04 1.07
C GLY B 64 -10.03 -4.69 0.80
N ARG B 65 -8.84 -4.49 1.35
CA ARG B 65 -8.12 -3.24 1.14
C ARG B 65 -6.73 -3.53 0.57
N PRO B 66 -6.36 -2.83 -0.53
CA PRO B 66 -5.05 -3.02 -1.18
C PRO B 66 -3.91 -2.46 -0.33
N GLU B 67 -2.96 -3.32 0.04
CA GLU B 67 -1.81 -2.88 0.85
C GLU B 67 -0.51 -3.45 0.29
N LEU B 68 0.60 -2.87 0.72
CA LEU B 68 1.92 -3.30 0.26
C LEU B 68 2.48 -4.41 1.13
N ALA B 69 3.10 -5.39 0.49
CA ALA B 69 3.72 -6.51 1.18
C ALA B 69 5.19 -6.56 0.78
N PHE B 70 6.06 -6.19 1.72
CA PHE B 70 7.50 -6.16 1.46
C PHE B 70 8.14 -7.51 1.78
N ASP B 71 8.89 -8.03 0.81
CA ASP B 71 9.58 -9.30 0.96
C ASP B 71 11.01 -9.07 1.45
N PHE B 72 11.18 -9.03 2.77
CA PHE B 72 12.49 -8.82 3.37
C PHE B 72 13.40 -10.03 3.17
N LYS B 73 12.85 -11.13 2.68
CA LYS B 73 13.62 -12.33 2.45
C LYS B 73 14.40 -12.24 1.15
N ALA B 74 13.98 -11.36 0.25
CA ALA B 74 14.62 -11.21 -1.05
C ALA B 74 15.15 -9.81 -1.28
N MET B 75 15.24 -9.02 -0.22
CA MET B 75 15.75 -7.65 -0.35
C MET B 75 17.24 -7.68 -0.59
N LYS B 76 17.71 -6.76 -1.41
CA LYS B 76 19.13 -6.68 -1.74
C LYS B 76 19.75 -5.41 -1.15
N ARG B 77 20.85 -5.58 -0.41
CA ARG B 77 21.54 -4.45 0.19
C ARG B 77 22.02 -3.52 -0.91
N ALA B 78 21.69 -2.24 -0.78
CA ALA B 78 22.09 -1.24 -1.76
C ALA B 78 23.37 -0.54 -1.31
#